data_6FLO
#
_entry.id   6FLO
#
_cell.length_a   67.460
_cell.length_b   71.550
_cell.length_c   122.820
_cell.angle_alpha   90.000
_cell.angle_beta   90.000
_cell.angle_gamma   90.000
#
_symmetry.space_group_name_H-M   'P 21 21 21'
#
loop_
_entity.id
_entity.type
_entity.pdbx_description
1 polymer 'Protein kinase A regulatory subunit'
2 non-polymer INOSINE
3 non-polymer GLYCEROL
4 water water
#
_entity_poly.entity_id   1
_entity_poly.type   'polypeptide(L)'
_entity_poly.pdbx_seq_one_letter_code
;GRKRRTTVRGEGIDPEKAKSYVAPYFEKSEDETALILKLLTYNVLFSFLDSRDLMTVAGAMWRVEFKQDDCIMEAGQTTC
DKLYIIQDGKADIIKEGQKVYLKVEGTAVGELELMYQTPTVATVKVCTPELIAWALDRDTYRHLVMGSAIRRRETYIQFL
TNIPFLSGLDNYEKLQLADALSSDEFEPGDYIIRYGEEGEWLYIILEGSVDVVGRDDDGNEKHVWEFGKGDHVGELEFLN
NHANVADVVAKTHVVTAKLNRRHFEMCLGPVIDVLKRTSQQPNYEYYQSKLKTTLRAEGRK
;
_entity_poly.pdbx_strand_id   A,B
#
loop_
_chem_comp.id
_chem_comp.type
_chem_comp.name
_chem_comp.formula
GOL non-polymer GLYCEROL 'C3 H8 O3'
NOS non-polymer INOSINE 'C10 H12 N4 O5'
#
# COMPACT_ATOMS: atom_id res chain seq x y z
N ILE A 13 6.72 34.08 12.11
CA ILE A 13 8.07 34.03 12.66
C ILE A 13 9.04 34.94 11.88
N ASP A 14 9.57 35.95 12.56
CA ASP A 14 10.68 36.71 12.00
C ASP A 14 11.85 35.77 11.76
N PRO A 15 12.55 35.88 10.62
CA PRO A 15 13.77 35.07 10.42
C PRO A 15 14.87 35.41 11.40
N GLU A 16 15.06 36.69 11.72
CA GLU A 16 16.06 37.05 12.73
C GLU A 16 15.68 36.48 14.08
N LYS A 17 14.39 36.46 14.42
CA LYS A 17 13.95 35.87 15.67
C LYS A 17 14.18 34.36 15.68
N ALA A 18 14.06 33.70 14.53
CA ALA A 18 14.39 32.28 14.48
C ALA A 18 15.90 32.06 14.59
N LYS A 19 16.70 33.03 14.13
CA LYS A 19 18.15 32.87 14.16
C LYS A 19 18.69 32.96 15.57
N SER A 20 18.16 33.86 16.38
CA SER A 20 18.63 34.11 17.73
C SER A 20 17.82 33.38 18.79
N TYR A 21 16.94 32.46 18.39
CA TYR A 21 16.10 31.76 19.35
C TYR A 21 16.92 30.68 20.05
N VAL A 22 16.91 30.71 21.37
CA VAL A 22 17.61 29.73 22.19
C VAL A 22 16.57 28.72 22.68
N ALA A 23 16.69 27.49 22.20
CA ALA A 23 15.76 26.44 22.57
C ALA A 23 16.02 25.94 23.99
N PRO A 24 15.00 25.50 24.70
CA PRO A 24 15.23 24.80 25.97
C PRO A 24 16.06 23.54 25.74
N TYR A 25 16.68 23.06 26.80
CA TYR A 25 17.47 21.84 26.78
C TYR A 25 17.09 21.00 27.98
N PHE A 26 16.65 19.77 27.76
CA PHE A 26 16.24 18.88 28.84
C PHE A 26 17.16 17.67 28.78
N GLU A 27 18.09 17.58 29.72
CA GLU A 27 19.09 16.51 29.73
C GLU A 27 18.42 15.15 29.62
N LYS A 28 19.05 14.27 28.85
CA LYS A 28 18.56 12.93 28.61
C LYS A 28 19.76 12.08 28.24
N SER A 29 19.59 10.76 28.27
CA SER A 29 20.72 9.89 28.02
C SER A 29 21.15 9.96 26.56
N GLU A 30 22.42 9.61 26.32
CA GLU A 30 22.90 9.43 24.95
C GLU A 30 21.99 8.50 24.17
N ASP A 31 21.55 7.40 24.81
CA ASP A 31 20.69 6.45 24.13
C ASP A 31 19.36 7.09 23.72
N GLU A 32 18.81 7.94 24.59
CA GLU A 32 17.54 8.57 24.24
C GLU A 32 17.72 9.57 23.11
N THR A 33 18.79 10.36 23.16
CA THR A 33 19.06 11.29 22.08
C THR A 33 19.23 10.56 20.75
N ALA A 34 19.98 9.45 20.75
CA ALA A 34 20.12 8.66 19.54
C ALA A 34 18.77 8.15 19.04
N LEU A 35 17.92 7.68 19.95
CA LEU A 35 16.64 7.15 19.50
C LEU A 35 15.75 8.26 18.95
N ILE A 36 15.77 9.43 19.59
CA ILE A 36 15.04 10.59 19.07
C ILE A 36 15.48 10.92 17.65
N LEU A 37 16.79 11.00 17.42
CA LEU A 37 17.29 11.41 16.10
C LEU A 37 16.86 10.45 15.01
N LYS A 38 16.80 9.16 15.32
CA LYS A 38 16.26 8.21 14.35
C LYS A 38 14.81 8.55 14.01
N LEU A 39 14.03 8.97 15.02
CA LEU A 39 12.65 9.36 14.76
C LEU A 39 12.58 10.66 13.96
N LEU A 40 13.42 11.65 14.29
CA LEU A 40 13.39 12.89 13.54
C LEU A 40 13.81 12.68 12.09
N THR A 41 14.70 11.72 11.85
CA THR A 41 15.27 11.49 10.53
C THR A 41 14.22 11.00 9.53
N TYR A 42 13.27 10.18 9.97
CA TYR A 42 12.31 9.61 9.04
C TYR A 42 10.99 10.34 9.03
N ASN A 43 10.76 11.24 9.99
CA ASN A 43 9.52 11.99 10.06
C ASN A 43 9.56 13.23 9.16
N VAL A 44 8.46 13.43 8.43
CA VAL A 44 8.40 14.44 7.36
C VAL A 44 8.64 15.85 7.89
N LEU A 45 8.23 16.12 9.13
CA LEU A 45 8.26 17.48 9.64
C LEU A 45 9.69 18.04 9.68
N PHE A 46 10.70 17.17 9.77
CA PHE A 46 12.06 17.64 10.00
C PHE A 46 12.95 17.44 8.77
N SER A 47 12.35 17.27 7.59
CA SER A 47 13.16 16.83 6.47
C SER A 47 14.18 17.85 6.01
N PHE A 48 14.02 19.13 6.38
CA PHE A 48 14.94 20.16 5.92
C PHE A 48 15.91 20.66 6.98
N LEU A 49 15.92 20.09 8.18
CA LEU A 49 16.86 20.52 9.21
C LEU A 49 18.22 19.87 8.97
N ASP A 50 19.29 20.62 9.25
CA ASP A 50 20.63 20.06 9.24
C ASP A 50 20.97 19.52 10.62
N SER A 51 22.18 19.01 10.78
CA SER A 51 22.49 18.23 11.98
C SER A 51 22.39 19.07 13.25
N ARG A 52 22.87 20.30 13.21
CA ARG A 52 22.85 21.11 14.44
C ARG A 52 21.42 21.39 14.87
N ASP A 53 20.55 21.73 13.92
CA ASP A 53 19.13 21.93 14.22
C ASP A 53 18.47 20.67 14.73
N LEU A 54 18.81 19.51 14.15
CA LEU A 54 18.23 18.26 14.65
C LEU A 54 18.68 18.02 16.09
N MET A 55 19.95 18.26 16.37
CA MET A 55 20.44 18.09 17.73
C MET A 55 19.74 19.04 18.69
N THR A 56 19.61 20.30 18.30
CA THR A 56 18.90 21.27 19.13
C THR A 56 17.46 20.83 19.38
N VAL A 57 16.76 20.40 18.32
CA VAL A 57 15.37 19.97 18.47
C VAL A 57 15.28 18.81 19.45
N ALA A 58 16.16 17.81 19.29
CA ALA A 58 16.18 16.69 20.20
C ALA A 58 16.48 17.10 21.64
N GLY A 59 17.32 18.13 21.82
CA GLY A 59 17.59 18.61 23.16
C GLY A 59 16.37 19.24 23.80
N ALA A 60 15.48 19.82 23.00
CA ALA A 60 14.27 20.47 23.47
C ALA A 60 13.11 19.51 23.69
N MET A 61 13.30 18.22 23.45
CA MET A 61 12.23 17.24 23.60
C MET A 61 12.31 16.52 24.95
N TRP A 62 11.15 16.10 25.43
CA TRP A 62 11.05 15.37 26.69
C TRP A 62 10.05 14.24 26.53
N ARG A 63 10.24 13.20 27.33
CA ARG A 63 9.52 11.94 27.17
C ARG A 63 8.19 11.99 27.90
N VAL A 64 7.16 11.43 27.26
CA VAL A 64 5.81 11.41 27.81
C VAL A 64 5.24 10.01 27.63
N GLU A 65 4.51 9.55 28.65
CA GLU A 65 3.88 8.23 28.68
C GLU A 65 2.37 8.39 28.72
N PHE A 66 1.67 7.59 27.92
CA PHE A 66 0.22 7.52 27.96
C PHE A 66 -0.19 6.07 28.04
N LYS A 67 -1.35 5.81 28.65
CA LYS A 67 -1.92 4.49 28.73
C LYS A 67 -3.15 4.41 27.83
N GLN A 68 -3.56 3.17 27.53
CA GLN A 68 -4.68 2.96 26.61
C GLN A 68 -5.87 3.82 26.98
N ASP A 69 -6.49 4.39 25.96
CA ASP A 69 -7.70 5.22 25.98
C ASP A 69 -7.42 6.64 26.47
N ASP A 70 -6.18 6.98 26.78
CA ASP A 70 -5.84 8.35 27.13
C ASP A 70 -6.03 9.24 25.91
N CYS A 71 -6.54 10.45 26.15
CA CYS A 71 -6.61 11.46 25.10
C CYS A 71 -5.38 12.34 25.22
N ILE A 72 -4.51 12.28 24.21
CA ILE A 72 -3.32 13.12 24.19
C ILE A 72 -3.70 14.58 23.99
N MET A 73 -4.60 14.83 23.04
CA MET A 73 -5.25 16.11 22.87
C MET A 73 -6.71 15.83 22.51
N GLU A 74 -7.56 16.83 22.73
CA GLU A 74 -9.00 16.66 22.52
C GLU A 74 -9.50 17.70 21.54
N ALA A 75 -10.38 17.26 20.64
CA ALA A 75 -10.94 18.15 19.66
C ALA A 75 -11.59 19.36 20.34
N GLY A 76 -11.21 20.56 19.90
CA GLY A 76 -11.79 21.78 20.41
C GLY A 76 -11.01 22.44 21.52
N GLN A 77 -10.02 21.76 22.11
CA GLN A 77 -9.20 22.43 23.11
C GLN A 77 -8.25 23.43 22.44
N THR A 78 -7.86 24.44 23.21
CA THR A 78 -6.91 25.46 22.74
C THR A 78 -5.66 25.48 23.60
N THR A 79 -5.54 24.54 24.53
CA THR A 79 -4.52 24.58 25.56
C THR A 79 -3.26 23.80 25.19
N CYS A 80 -3.31 23.01 24.11
CA CYS A 80 -2.19 22.13 23.76
C CYS A 80 -1.21 22.90 22.90
N ASP A 81 -0.06 23.24 23.48
CA ASP A 81 0.97 24.01 22.78
C ASP A 81 2.17 23.11 22.53
N LYS A 82 1.93 21.88 22.06
CA LYS A 82 3.00 20.90 21.90
C LYS A 82 2.79 20.02 20.70
N LEU A 83 3.90 19.47 20.22
CA LEU A 83 3.96 18.43 19.21
C LEU A 83 4.38 17.14 19.90
N TYR A 84 3.87 16.00 19.42
CA TYR A 84 4.27 14.69 19.95
C TYR A 84 4.71 13.82 18.80
N ILE A 85 5.88 13.19 18.94
CA ILE A 85 6.34 12.20 17.96
C ILE A 85 6.30 10.84 18.63
N ILE A 86 5.60 9.91 18.02
CA ILE A 86 5.33 8.61 18.63
C ILE A 86 6.56 7.70 18.51
N GLN A 87 7.07 7.26 19.66
CA GLN A 87 8.11 6.23 19.72
C GLN A 87 7.53 4.82 19.74
N ASP A 88 6.58 4.55 20.63
CA ASP A 88 5.97 3.23 20.75
C ASP A 88 4.49 3.41 21.04
N GLY A 89 3.67 2.64 20.34
CA GLY A 89 2.23 2.70 20.51
C GLY A 89 1.55 3.27 19.29
N LYS A 90 0.22 3.28 19.35
CA LYS A 90 -0.60 3.80 18.27
C LYS A 90 -1.73 4.63 18.87
N ALA A 91 -2.27 5.53 18.04
CA ALA A 91 -3.35 6.40 18.48
C ALA A 91 -4.34 6.59 17.35
N ASP A 92 -5.62 6.67 17.72
CA ASP A 92 -6.71 6.96 16.78
C ASP A 92 -6.88 8.46 16.62
N ILE A 93 -7.13 8.89 15.39
CA ILE A 93 -7.59 10.25 15.11
C ILE A 93 -9.11 10.21 15.02
N ILE A 94 -9.78 10.96 15.87
CA ILE A 94 -11.24 10.87 15.99
C ILE A 94 -11.85 12.23 15.70
N LYS A 95 -12.67 12.29 14.66
CA LYS A 95 -13.41 13.50 14.30
C LYS A 95 -14.90 13.24 14.39
N GLU A 96 -15.62 14.05 15.16
CA GLU A 96 -17.07 13.93 15.30
C GLU A 96 -17.46 12.50 15.66
N GLY A 97 -16.69 11.88 16.54
CA GLY A 97 -16.95 10.55 17.03
C GLY A 97 -16.50 9.42 16.14
N GLN A 98 -15.89 9.71 15.00
CA GLN A 98 -15.49 8.68 14.04
C GLN A 98 -13.98 8.59 14.01
N LYS A 99 -13.46 7.36 14.10
CA LYS A 99 -12.04 7.12 13.84
C LYS A 99 -11.78 7.33 12.34
N VAL A 100 -10.91 8.29 12.02
CA VAL A 100 -10.65 8.67 10.64
C VAL A 100 -9.20 8.46 10.23
N TYR A 101 -8.32 8.06 11.15
CA TYR A 101 -6.92 7.92 10.81
C TYR A 101 -6.21 7.26 11.97
N LEU A 102 -5.16 6.53 11.67
CA LEU A 102 -4.37 5.84 12.69
C LEU A 102 -2.93 6.33 12.63
N LYS A 103 -2.44 6.81 13.76
CA LYS A 103 -1.06 7.28 13.91
C LYS A 103 -0.23 6.15 14.49
N VAL A 104 0.86 5.78 13.80
CA VAL A 104 1.69 4.68 14.27
C VAL A 104 3.06 5.20 14.71
N GLU A 105 3.95 4.29 15.11
CA GLU A 105 5.29 4.68 15.56
C GLU A 105 5.99 5.54 14.53
N GLY A 106 6.70 6.55 15.02
CA GLY A 106 7.42 7.45 14.14
C GLY A 106 6.62 8.59 13.57
N THR A 107 5.30 8.59 13.71
CA THR A 107 4.54 9.74 13.22
C THR A 107 4.31 10.73 14.35
N ALA A 108 3.87 11.92 13.96
CA ALA A 108 3.69 13.04 14.87
C ALA A 108 2.21 13.38 15.00
N VAL A 109 1.83 13.94 16.15
CA VAL A 109 0.50 14.49 16.33
C VAL A 109 0.64 15.89 16.90
N GLY A 110 -0.27 16.77 16.49
CA GLY A 110 -0.28 18.12 16.98
C GLY A 110 0.24 19.16 16.02
N GLU A 111 0.75 18.76 14.85
CA GLU A 111 1.46 19.70 13.98
C GLU A 111 0.50 20.70 13.34
N LEU A 112 -0.72 20.27 12.99
CA LEU A 112 -1.67 21.17 12.36
C LEU A 112 -1.94 22.38 13.24
N GLU A 113 -2.11 22.16 14.54
CA GLU A 113 -2.38 23.28 15.44
C GLU A 113 -1.15 24.15 15.61
N LEU A 114 0.05 23.57 15.56
CA LEU A 114 1.26 24.38 15.69
C LEU A 114 1.51 25.22 14.44
N MET A 115 1.27 24.65 13.26
CA MET A 115 1.46 25.38 12.02
C MET A 115 0.45 26.53 11.89
N TYR A 116 -0.82 26.23 12.13
CA TYR A 116 -1.90 27.13 11.75
C TYR A 116 -2.50 27.91 12.92
N GLN A 117 -2.12 27.59 14.15
CA GLN A 117 -2.56 28.35 15.31
C GLN A 117 -4.09 28.36 15.40
N THR A 118 -4.67 27.16 15.32
CA THR A 118 -6.11 26.93 15.47
C THR A 118 -6.33 26.07 16.71
N PRO A 119 -7.56 25.91 17.17
CA PRO A 119 -7.82 24.94 18.24
C PRO A 119 -7.60 23.53 17.71
N THR A 120 -7.44 22.59 18.64
CA THR A 120 -7.17 21.20 18.23
C THR A 120 -8.28 20.71 17.32
N VAL A 121 -7.89 20.25 16.13
CA VAL A 121 -8.86 19.82 15.13
C VAL A 121 -9.52 18.50 15.52
N ALA A 122 -8.73 17.53 15.92
CA ALA A 122 -9.20 16.17 16.17
C ALA A 122 -8.80 15.73 17.57
N THR A 123 -9.51 14.73 18.07
CA THR A 123 -9.12 14.05 19.30
C THR A 123 -8.17 12.92 18.96
N VAL A 124 -7.12 12.78 19.77
CA VAL A 124 -6.09 11.75 19.58
C VAL A 124 -6.11 10.85 20.79
N LYS A 125 -6.58 9.61 20.61
CA LYS A 125 -6.80 8.67 21.69
C LYS A 125 -5.88 7.46 21.56
N VAL A 126 -5.07 7.21 22.58
CA VAL A 126 -4.17 6.06 22.57
C VAL A 126 -5.00 4.77 22.50
N CYS A 127 -4.71 3.92 21.52
CA CYS A 127 -5.45 2.67 21.36
C CYS A 127 -4.56 1.43 21.51
N THR A 128 -3.40 1.57 22.14
CA THR A 128 -2.52 0.47 22.46
C THR A 128 -2.33 0.49 23.96
N PRO A 129 -1.93 -0.62 24.56
CA PRO A 129 -1.85 -0.64 26.04
C PRO A 129 -1.10 0.56 26.58
N GLU A 130 0.02 0.94 25.95
CA GLU A 130 0.77 2.13 26.31
C GLU A 130 1.19 2.87 25.04
N LEU A 131 1.50 4.15 25.21
CA LEU A 131 2.12 4.94 24.14
C LEU A 131 3.20 5.79 24.76
N ILE A 132 4.41 5.68 24.20
CA ILE A 132 5.53 6.51 24.60
C ILE A 132 5.79 7.49 23.47
N ALA A 133 5.86 8.78 23.79
CA ALA A 133 6.08 9.81 22.79
C ALA A 133 7.12 10.80 23.29
N TRP A 134 7.64 11.60 22.38
CA TRP A 134 8.51 12.71 22.71
C TRP A 134 7.81 14.01 22.35
N ALA A 135 7.77 14.95 23.29
CA ALA A 135 7.03 16.18 23.13
C ALA A 135 7.98 17.31 22.75
N LEU A 136 7.46 18.25 21.97
CA LEU A 136 8.18 19.46 21.56
C LEU A 136 7.22 20.64 21.71
N ASP A 137 7.70 21.71 22.34
CA ASP A 137 6.87 22.88 22.63
C ASP A 137 6.64 23.73 21.38
N ARG A 138 5.59 24.55 21.45
CA ARG A 138 5.16 25.35 20.29
C ARG A 138 6.28 26.26 19.79
N ASP A 139 6.99 26.94 20.71
CA ASP A 139 7.97 27.93 20.27
C ASP A 139 9.17 27.29 19.58
N THR A 140 9.69 26.19 20.12
CA THR A 140 10.80 25.52 19.43
C THR A 140 10.35 25.01 18.06
N TYR A 141 9.17 24.41 17.99
CA TYR A 141 8.67 23.97 16.69
C TYR A 141 8.59 25.12 15.71
N ARG A 142 8.02 26.26 16.14
CA ARG A 142 7.82 27.35 15.21
C ARG A 142 9.14 27.99 14.80
N HIS A 143 10.08 28.10 15.72
CA HIS A 143 11.33 28.79 15.36
C HIS A 143 12.31 27.89 14.63
N LEU A 144 12.37 26.60 14.97
CA LEU A 144 13.42 25.73 14.45
C LEU A 144 12.95 24.76 13.39
N VAL A 145 11.69 24.34 13.41
CA VAL A 145 11.21 23.26 12.56
C VAL A 145 10.35 23.78 11.42
N MET A 146 9.41 24.68 11.72
CA MET A 146 8.38 25.02 10.75
C MET A 146 8.98 25.51 9.43
N GLY A 147 9.89 26.47 9.51
CA GLY A 147 10.46 27.01 8.29
C GLY A 147 9.37 27.50 7.37
N SER A 148 9.47 27.13 6.09
CA SER A 148 8.51 27.54 5.07
C SER A 148 7.52 26.42 4.73
N ALA A 149 7.19 25.59 5.71
CA ALA A 149 6.24 24.50 5.47
C ALA A 149 4.94 25.03 4.89
N ILE A 150 4.40 26.11 5.45
CA ILE A 150 3.11 26.62 5.00
C ILE A 150 3.17 27.06 3.55
N ARG A 151 4.29 27.64 3.13
CA ARG A 151 4.42 28.04 1.73
C ARG A 151 4.62 26.83 0.82
N ARG A 152 5.35 25.82 1.31
CA ARG A 152 5.53 24.60 0.52
C ARG A 152 4.22 23.85 0.33
N ARG A 153 3.42 23.73 1.39
CA ARG A 153 2.12 23.06 1.27
C ARG A 153 1.21 23.80 0.29
N GLU A 154 1.10 25.11 0.44
CA GLU A 154 0.23 25.88 -0.43
C GLU A 154 0.73 25.84 -1.88
N THR A 155 2.04 25.84 -2.07
CA THR A 155 2.58 25.80 -3.41
C THR A 155 2.31 24.46 -4.07
N TYR A 156 2.78 23.37 -3.45
CA TYR A 156 2.77 22.06 -4.11
C TYR A 156 1.37 21.48 -4.22
N ILE A 157 0.45 21.84 -3.32
CA ILE A 157 -0.81 21.12 -3.28
C ILE A 157 -1.66 21.39 -4.52
N GLN A 158 -1.43 22.50 -5.23
CA GLN A 158 -2.10 22.70 -6.50
C GLN A 158 -1.72 21.62 -7.51
N PHE A 159 -0.44 21.26 -7.56
CA PHE A 159 0.02 20.24 -8.49
C PHE A 159 -0.31 18.83 -8.03
N LEU A 160 -0.28 18.58 -6.72
CA LEU A 160 -0.32 17.20 -6.23
C LEU A 160 -1.70 16.59 -6.38
N THR A 161 -2.75 17.41 -6.36
CA THR A 161 -4.09 16.87 -6.58
C THR A 161 -4.34 16.43 -8.01
N ASN A 162 -3.41 16.70 -8.94
CA ASN A 162 -3.54 16.29 -10.34
C ASN A 162 -2.57 15.18 -10.74
N ILE A 163 -1.78 14.66 -9.81
CA ILE A 163 -0.79 13.62 -10.10
C ILE A 163 -1.50 12.27 -9.94
N PRO A 164 -1.67 11.51 -11.02
CA PRO A 164 -2.39 10.22 -10.94
C PRO A 164 -2.05 9.32 -9.76
N PHE A 165 -0.79 8.95 -9.60
CA PHE A 165 -0.43 7.94 -8.62
C PHE A 165 -0.61 8.42 -7.18
N LEU A 166 -0.96 9.68 -6.97
CA LEU A 166 -1.22 10.23 -5.65
C LEU A 166 -2.70 10.26 -5.30
N SER A 167 -3.59 9.86 -6.22
CA SER A 167 -5.02 9.80 -5.89
C SER A 167 -5.29 8.96 -4.65
N GLY A 168 -4.46 7.93 -4.40
CA GLY A 168 -4.62 7.05 -3.26
C GLY A 168 -4.31 7.68 -1.92
N LEU A 169 -3.74 8.90 -1.92
CA LEU A 169 -3.49 9.66 -0.68
C LEU A 169 -4.70 10.53 -0.35
N ASP A 170 -5.06 10.58 0.93
CA ASP A 170 -6.14 11.48 1.28
C ASP A 170 -5.59 12.91 1.30
N ASN A 171 -6.42 13.88 1.69
CA ASN A 171 -5.96 15.26 1.61
C ASN A 171 -4.86 15.54 2.62
N TYR A 172 -5.08 15.12 3.87
CA TYR A 172 -4.04 15.25 4.89
C TYR A 172 -2.72 14.66 4.43
N GLU A 173 -2.77 13.55 3.69
CA GLU A 173 -1.53 12.88 3.32
C GLU A 173 -0.84 13.58 2.14
N LYS A 174 -1.63 14.12 1.22
CA LYS A 174 -1.04 14.94 0.15
C LYS A 174 -0.33 16.16 0.72
N LEU A 175 -0.97 16.84 1.68
CA LEU A 175 -0.34 18.00 2.30
C LEU A 175 0.93 17.61 3.02
N GLN A 176 0.93 16.45 3.68
CA GLN A 176 2.10 15.97 4.40
C GLN A 176 3.25 15.63 3.45
N LEU A 177 2.93 15.08 2.28
CA LEU A 177 3.95 14.86 1.27
C LEU A 177 4.60 16.16 0.83
N ALA A 178 3.81 17.25 0.75
CA ALA A 178 4.38 18.55 0.38
C ALA A 178 5.44 19.01 1.37
N ASP A 179 5.32 18.63 2.65
CA ASP A 179 6.29 19.01 3.67
C ASP A 179 7.70 18.57 3.30
N ALA A 180 7.84 17.51 2.53
CA ALA A 180 9.14 16.90 2.29
C ALA A 180 9.58 17.00 0.83
N LEU A 181 8.91 17.81 0.03
CA LEU A 181 9.25 17.97 -1.38
C LEU A 181 10.14 19.18 -1.57
N SER A 182 11.00 19.12 -2.59
CA SER A 182 11.83 20.24 -2.96
C SER A 182 11.95 20.31 -4.47
N SER A 183 11.94 21.53 -5.01
CA SER A 183 11.85 21.70 -6.45
C SER A 183 13.23 21.76 -7.08
N ASP A 184 13.29 21.38 -8.35
CA ASP A 184 14.50 21.53 -9.14
C ASP A 184 14.08 21.83 -10.58
N GLU A 185 14.87 22.65 -11.25
CA GLU A 185 14.67 22.94 -12.66
C GLU A 185 15.79 22.32 -13.48
N PHE A 186 15.45 21.74 -14.61
CA PHE A 186 16.44 21.12 -15.49
C PHE A 186 16.26 21.67 -16.89
N GLU A 187 17.29 21.48 -17.71
CA GLU A 187 17.34 22.02 -19.05
C GLU A 187 17.49 20.86 -20.03
N PRO A 188 17.10 21.05 -21.31
CA PRO A 188 17.18 19.94 -22.27
C PRO A 188 18.58 19.34 -22.30
N GLY A 189 18.70 18.07 -21.94
CA GLY A 189 19.98 17.38 -21.87
C GLY A 189 20.47 17.09 -20.46
N ASP A 190 19.99 17.82 -19.45
CA ASP A 190 20.41 17.59 -18.07
C ASP A 190 20.04 16.18 -17.62
N TYR A 191 20.98 15.51 -16.94
CA TYR A 191 20.70 14.22 -16.34
C TYR A 191 20.04 14.40 -14.98
N ILE A 192 18.77 14.02 -14.87
CA ILE A 192 18.08 14.03 -13.59
C ILE A 192 18.45 12.79 -12.78
N ILE A 193 18.40 11.64 -13.40
CA ILE A 193 18.79 10.37 -12.81
C ILE A 193 19.81 9.76 -13.73
N ARG A 194 20.82 9.14 -13.16
CA ARG A 194 21.93 8.68 -13.96
C ARG A 194 22.17 7.22 -13.70
N TYR A 195 22.29 6.46 -14.79
CA TYR A 195 22.37 5.02 -14.73
C TYR A 195 23.50 4.53 -13.82
N GLY A 196 23.26 3.39 -13.18
CA GLY A 196 24.27 2.74 -12.36
C GLY A 196 24.43 3.34 -10.98
N GLU A 197 24.11 4.62 -10.82
CA GLU A 197 24.29 5.30 -9.54
C GLU A 197 23.20 4.89 -8.55
N GLU A 198 23.39 5.30 -7.29
CA GLU A 198 22.45 4.95 -6.24
C GLU A 198 21.18 5.80 -6.31
N GLY A 199 20.04 5.15 -6.12
CA GLY A 199 18.79 5.88 -6.08
C GLY A 199 18.58 6.46 -4.70
N GLU A 200 18.35 7.77 -4.65
CA GLU A 200 18.01 8.45 -3.42
C GLU A 200 16.79 9.34 -3.58
N TRP A 201 16.36 9.63 -4.79
CA TRP A 201 15.30 10.58 -5.00
C TRP A 201 14.24 9.97 -5.90
N LEU A 202 12.99 10.21 -5.51
CA LEU A 202 11.83 9.95 -6.35
C LEU A 202 11.40 11.30 -6.88
N TYR A 203 11.36 11.45 -8.20
CA TYR A 203 11.01 12.72 -8.82
C TYR A 203 9.59 12.67 -9.39
N ILE A 204 8.85 13.76 -9.19
CA ILE A 204 7.53 13.96 -9.78
C ILE A 204 7.67 15.08 -10.80
N ILE A 205 7.33 14.78 -12.05
CA ILE A 205 7.50 15.74 -13.14
C ILE A 205 6.32 16.71 -13.11
N LEU A 206 6.59 17.97 -12.82
CA LEU A 206 5.55 18.98 -12.77
C LEU A 206 5.39 19.71 -14.11
N GLU A 207 6.41 19.67 -14.95
CA GLU A 207 6.43 20.36 -16.23
C GLU A 207 7.56 19.79 -17.05
N GLY A 208 7.30 19.51 -18.32
CA GLY A 208 8.34 19.07 -19.23
C GLY A 208 8.31 17.57 -19.46
N SER A 209 9.24 17.13 -20.29
CA SER A 209 9.34 15.74 -20.68
C SER A 209 10.73 15.23 -20.36
N VAL A 210 10.82 13.92 -20.13
CA VAL A 210 12.09 13.26 -19.82
C VAL A 210 12.16 11.95 -20.57
N ASP A 211 13.38 11.48 -20.78
CA ASP A 211 13.63 10.21 -21.45
C ASP A 211 14.26 9.22 -20.50
N VAL A 212 13.76 8.00 -20.53
CA VAL A 212 14.36 6.88 -19.80
C VAL A 212 15.33 6.22 -20.77
N VAL A 213 16.62 6.32 -20.47
CA VAL A 213 17.65 5.77 -21.33
C VAL A 213 18.26 4.60 -20.58
N GLY A 214 17.98 3.39 -21.04
CA GLY A 214 18.53 2.18 -20.48
C GLY A 214 19.81 1.76 -21.19
N ARG A 215 20.19 0.50 -20.98
CA ARG A 215 21.41 -0.03 -21.56
C ARG A 215 21.18 -1.47 -22.03
N ASP A 216 21.71 -1.79 -23.22
CA ASP A 216 21.75 -3.16 -23.74
C ASP A 216 20.46 -3.61 -24.41
N GLY A 219 26.78 0.99 -21.53
CA GLY A 219 26.70 -0.22 -22.35
C GLY A 219 26.21 0.02 -23.75
N ASN A 220 24.96 -0.38 -24.02
CA ASN A 220 24.37 -0.18 -25.32
C ASN A 220 23.58 1.11 -25.45
N GLU A 221 23.28 1.79 -24.34
CA GLU A 221 22.48 3.01 -24.37
C GLU A 221 21.24 2.80 -25.25
N LYS A 222 20.18 2.28 -24.65
CA LYS A 222 18.95 1.94 -25.36
C LYS A 222 17.80 2.79 -24.83
N HIS A 223 16.99 3.31 -25.74
CA HIS A 223 15.88 4.15 -25.34
C HIS A 223 14.75 3.26 -24.83
N VAL A 224 14.23 3.59 -23.67
CA VAL A 224 13.25 2.75 -22.98
C VAL A 224 11.85 3.36 -23.01
N TRP A 225 11.71 4.63 -22.66
CA TRP A 225 10.38 5.21 -22.54
C TRP A 225 10.50 6.72 -22.41
N GLU A 226 9.41 7.41 -22.72
CA GLU A 226 9.30 8.86 -22.51
C GLU A 226 8.17 9.15 -21.52
N PHE A 227 8.46 10.00 -20.53
CA PHE A 227 7.49 10.43 -19.53
C PHE A 227 7.30 11.94 -19.57
N GLY A 228 6.24 12.41 -18.92
CA GLY A 228 5.86 13.81 -18.97
C GLY A 228 5.17 14.30 -17.71
N LYS A 229 4.51 15.44 -17.80
CA LYS A 229 3.87 16.06 -16.64
C LYS A 229 2.98 15.05 -15.92
N GLY A 230 3.22 14.88 -14.62
CA GLY A 230 2.43 14.01 -13.77
C GLY A 230 3.02 12.64 -13.56
N ASP A 231 4.07 12.29 -14.28
CA ASP A 231 4.71 11.00 -14.10
C ASP A 231 5.76 11.07 -13.01
N HIS A 232 6.28 9.89 -12.64
CA HIS A 232 7.26 9.76 -11.57
C HIS A 232 8.41 8.89 -12.06
N VAL A 233 9.60 9.15 -11.52
CA VAL A 233 10.78 8.34 -11.82
C VAL A 233 11.60 8.17 -10.55
N GLY A 234 12.29 7.03 -10.47
CA GLY A 234 13.17 6.73 -9.37
C GLY A 234 12.65 5.68 -8.40
N GLU A 235 11.35 5.38 -8.43
CA GLU A 235 10.77 4.54 -7.38
C GLU A 235 11.23 3.10 -7.48
N LEU A 236 11.55 2.64 -8.69
CA LEU A 236 11.96 1.25 -8.86
C LEU A 236 13.12 0.89 -7.95
N GLU A 237 14.08 1.81 -7.79
CA GLU A 237 15.20 1.56 -6.90
C GLU A 237 14.75 1.53 -5.43
N PHE A 238 13.77 2.35 -5.07
CA PHE A 238 13.20 2.28 -3.73
C PHE A 238 12.51 0.94 -3.50
N LEU A 239 11.67 0.53 -4.45
CA LEU A 239 10.93 -0.71 -4.27
C LEU A 239 11.87 -1.91 -4.09
N ASN A 240 12.89 -2.01 -4.94
CA ASN A 240 13.70 -3.23 -5.02
C ASN A 240 15.16 -3.06 -4.63
N ASN A 241 15.55 -1.91 -4.08
CA ASN A 241 16.89 -1.71 -3.52
C ASN A 241 17.98 -2.22 -4.48
N HIS A 242 18.18 -1.43 -5.52
CA HIS A 242 19.23 -1.68 -6.51
C HIS A 242 19.59 -0.36 -7.15
N ALA A 243 20.78 -0.30 -7.77
CA ALA A 243 21.22 0.94 -8.38
C ALA A 243 20.41 1.25 -9.65
N ASN A 244 20.47 2.51 -10.07
CA ASN A 244 19.64 2.96 -11.18
C ASN A 244 19.91 2.13 -12.43
N VAL A 245 18.86 1.48 -12.93
CA VAL A 245 18.94 0.69 -14.16
C VAL A 245 18.81 1.54 -15.42
N ALA A 246 18.73 2.86 -15.29
CA ALA A 246 18.54 3.69 -16.48
C ALA A 246 18.80 5.15 -16.14
N ASP A 247 19.26 5.89 -17.15
CA ASP A 247 19.30 7.34 -17.06
C ASP A 247 17.89 7.90 -17.21
N VAL A 248 17.68 9.07 -16.62
CA VAL A 248 16.52 9.88 -16.91
C VAL A 248 17.03 11.25 -17.30
N VAL A 249 16.75 11.66 -18.54
CA VAL A 249 17.37 12.84 -19.14
C VAL A 249 16.29 13.82 -19.52
N ALA A 250 16.46 15.09 -19.11
CA ALA A 250 15.55 16.15 -19.52
C ALA A 250 15.52 16.27 -21.04
N LYS A 251 14.34 16.08 -21.63
CA LYS A 251 14.16 16.33 -23.06
C LYS A 251 13.79 17.78 -23.34
N THR A 252 13.04 18.41 -22.45
CA THR A 252 12.72 19.83 -22.48
C THR A 252 13.14 20.44 -21.14
N HIS A 253 12.81 21.70 -20.94
CA HIS A 253 12.91 22.27 -19.60
C HIS A 253 11.89 21.57 -18.69
N VAL A 254 12.36 20.98 -17.60
CA VAL A 254 11.55 20.17 -16.69
C VAL A 254 11.62 20.79 -15.31
N VAL A 255 10.46 20.94 -14.67
CA VAL A 255 10.38 21.33 -13.27
C VAL A 255 9.91 20.12 -12.47
N THR A 256 10.67 19.76 -11.43
CA THR A 256 10.36 18.60 -10.62
C THR A 256 10.23 18.97 -9.15
N ALA A 257 9.47 18.15 -8.45
CA ALA A 257 9.50 18.05 -7.00
C ALA A 257 9.98 16.65 -6.66
N LYS A 258 10.91 16.55 -5.71
CA LYS A 258 11.53 15.27 -5.42
C LYS A 258 11.38 14.94 -3.93
N LEU A 259 11.51 13.65 -3.65
CA LEU A 259 11.31 13.11 -2.32
C LEU A 259 12.48 12.19 -2.00
N ASN A 260 13.06 12.37 -0.81
CA ASN A 260 14.23 11.55 -0.48
C ASN A 260 13.77 10.17 -0.03
N ARG A 261 14.62 9.18 -0.29
CA ARG A 261 14.27 7.82 0.09
C ARG A 261 13.94 7.72 1.57
N ARG A 262 14.58 8.55 2.41
CA ARG A 262 14.27 8.59 3.84
C ARG A 262 12.78 8.52 4.10
N HIS A 263 12.01 9.31 3.35
CA HIS A 263 10.61 9.56 3.62
C HIS A 263 9.68 8.77 2.71
N PHE A 264 10.23 7.84 1.93
CA PHE A 264 9.40 7.07 0.98
C PHE A 264 8.26 6.35 1.69
N GLU A 265 8.57 5.59 2.74
CA GLU A 265 7.52 4.83 3.43
C GLU A 265 6.55 5.74 4.16
N MET A 266 7.06 6.74 4.89
CA MET A 266 6.17 7.60 5.65
C MET A 266 5.22 8.39 4.75
N CYS A 267 5.67 8.77 3.56
CA CYS A 267 4.90 9.67 2.73
C CYS A 267 4.00 8.96 1.73
N LEU A 268 4.47 7.86 1.14
CA LEU A 268 3.79 7.22 0.03
C LEU A 268 3.28 5.83 0.37
N GLY A 269 3.35 5.42 1.65
CA GLY A 269 2.89 4.13 2.08
C GLY A 269 1.59 3.68 1.42
N PRO A 270 0.57 4.54 1.44
CA PRO A 270 -0.74 4.16 0.86
C PRO A 270 -0.76 3.99 -0.66
N VAL A 271 0.28 4.41 -1.40
CA VAL A 271 0.30 4.20 -2.84
C VAL A 271 1.47 3.35 -3.28
N ILE A 272 2.24 2.80 -2.33
CA ILE A 272 3.32 1.90 -2.68
C ILE A 272 2.81 0.73 -3.51
N ASP A 273 1.57 0.28 -3.25
CA ASP A 273 1.03 -0.83 -4.02
C ASP A 273 0.74 -0.44 -5.46
N VAL A 274 0.31 0.80 -5.69
CA VAL A 274 0.11 1.27 -7.07
C VAL A 274 1.45 1.27 -7.82
N LEU A 275 2.51 1.71 -7.18
CA LEU A 275 3.82 1.73 -7.83
C LEU A 275 4.27 0.32 -8.22
N LYS A 276 3.98 -0.67 -7.38
CA LYS A 276 4.28 -2.05 -7.74
C LYS A 276 3.52 -2.47 -8.99
N ARG A 277 2.21 -2.22 -9.03
CA ARG A 277 1.43 -2.53 -10.23
C ARG A 277 2.06 -1.88 -11.46
N THR A 278 2.33 -0.57 -11.36
CA THR A 278 2.83 0.18 -12.51
C THR A 278 4.09 -0.46 -13.09
N SER A 279 5.01 -0.89 -12.22
CA SER A 279 6.25 -1.51 -12.67
C SER A 279 6.04 -2.88 -13.30
N GLN A 280 4.86 -3.47 -13.13
CA GLN A 280 4.53 -4.75 -13.75
C GLN A 280 3.72 -4.57 -15.03
N GLN A 281 3.60 -3.33 -15.51
CA GLN A 281 2.96 -2.99 -16.77
C GLN A 281 3.87 -3.33 -17.94
N PRO A 282 3.33 -3.30 -19.17
CA PRO A 282 4.18 -3.53 -20.35
C PRO A 282 5.24 -2.45 -20.56
N ASN A 283 4.99 -1.21 -20.10
CA ASN A 283 5.99 -0.15 -20.27
C ASN A 283 7.17 -0.33 -19.41
N TYR A 284 7.22 -1.46 -18.72
CA TYR A 284 8.38 -1.86 -17.94
C TYR A 284 8.94 -3.19 -18.42
N GLU A 285 8.64 -3.57 -19.67
CA GLU A 285 9.27 -4.73 -20.28
C GLU A 285 10.78 -4.67 -20.08
N TYR A 286 11.40 -3.58 -20.55
CA TYR A 286 12.83 -3.37 -20.33
C TYR A 286 13.20 -3.66 -18.89
N TYR A 287 12.43 -3.11 -17.95
CA TYR A 287 12.78 -3.24 -16.54
C TYR A 287 12.54 -4.67 -16.05
N GLN A 288 11.47 -5.30 -16.53
CA GLN A 288 11.21 -6.69 -16.14
C GLN A 288 12.36 -7.59 -16.58
N SER A 289 12.79 -7.44 -17.84
CA SER A 289 13.81 -8.34 -18.39
C SER A 289 15.15 -8.20 -17.67
N LYS A 290 15.53 -6.97 -17.30
CA LYS A 290 16.79 -6.81 -16.58
C LYS A 290 16.76 -7.56 -15.26
N LEU A 291 15.61 -7.64 -14.63
CA LEU A 291 15.47 -8.37 -13.38
C LEU A 291 15.47 -9.87 -13.64
N TYR B 21 -17.62 2.78 -24.86
CA TYR B 21 -18.35 3.01 -23.61
C TYR B 21 -17.68 4.08 -22.77
N VAL B 22 -18.43 5.12 -22.40
CA VAL B 22 -17.93 6.18 -21.53
C VAL B 22 -18.45 5.93 -20.13
N ALA B 23 -17.52 5.72 -19.19
CA ALA B 23 -17.93 5.43 -17.84
C ALA B 23 -18.53 6.69 -17.20
N PRO B 24 -19.56 6.55 -16.38
CA PRO B 24 -20.06 7.69 -15.62
C PRO B 24 -19.02 8.20 -14.63
N TYR B 25 -19.20 9.45 -14.22
CA TYR B 25 -18.32 10.10 -13.27
C TYR B 25 -19.15 10.83 -12.24
N PHE B 26 -18.93 10.51 -10.97
CA PHE B 26 -19.62 11.18 -9.88
C PHE B 26 -18.56 11.83 -8.99
N GLU B 27 -18.44 13.15 -9.08
CA GLU B 27 -17.40 13.85 -8.34
C GLU B 27 -17.46 13.47 -6.86
N LYS B 28 -16.30 13.37 -6.23
CA LYS B 28 -16.21 12.97 -4.84
C LYS B 28 -14.95 13.58 -4.24
N SER B 29 -14.93 13.63 -2.92
CA SER B 29 -13.87 14.33 -2.24
C SER B 29 -12.53 13.59 -2.38
N GLU B 30 -11.45 14.32 -2.14
CA GLU B 30 -10.12 13.72 -2.15
C GLU B 30 -10.07 12.50 -1.24
N ASP B 31 -10.71 12.60 -0.06
CA ASP B 31 -10.67 11.52 0.91
C ASP B 31 -11.48 10.33 0.43
N GLU B 32 -12.59 10.59 -0.26
CA GLU B 32 -13.43 9.50 -0.74
C GLU B 32 -12.74 8.71 -1.85
N THR B 33 -12.13 9.41 -2.82
CA THR B 33 -11.37 8.70 -3.84
C THR B 33 -10.25 7.87 -3.23
N ALA B 34 -9.49 8.47 -2.30
CA ALA B 34 -8.42 7.73 -1.68
C ALA B 34 -8.94 6.48 -0.99
N LEU B 35 -10.06 6.60 -0.26
CA LEU B 35 -10.56 5.43 0.45
C LEU B 35 -11.14 4.40 -0.51
N ILE B 36 -11.82 4.84 -1.57
CA ILE B 36 -12.32 3.90 -2.57
C ILE B 36 -11.17 3.12 -3.18
N LEU B 37 -10.13 3.84 -3.61
CA LEU B 37 -9.02 3.24 -4.33
C LEU B 37 -8.31 2.21 -3.46
N LYS B 38 -8.25 2.47 -2.15
CA LYS B 38 -7.72 1.47 -1.22
C LYS B 38 -8.60 0.23 -1.18
N LEU B 39 -9.92 0.40 -1.24
CA LEU B 39 -10.80 -0.78 -1.25
C LEU B 39 -10.59 -1.59 -2.51
N LEU B 40 -10.49 -0.92 -3.67
CA LEU B 40 -10.33 -1.63 -4.93
C LEU B 40 -9.01 -2.36 -4.99
N THR B 41 -7.99 -1.80 -4.33
CA THR B 41 -6.66 -2.37 -4.44
C THR B 41 -6.61 -3.80 -3.89
N TYR B 42 -7.33 -4.04 -2.81
CA TYR B 42 -7.25 -5.32 -2.12
C TYR B 42 -8.41 -6.26 -2.45
N ASN B 43 -9.45 -5.78 -3.13
CA ASN B 43 -10.56 -6.63 -3.49
C ASN B 43 -10.25 -7.43 -4.76
N VAL B 44 -10.56 -8.72 -4.71
CA VAL B 44 -10.18 -9.66 -5.77
C VAL B 44 -10.82 -9.32 -7.10
N LEU B 45 -12.01 -8.72 -7.09
CA LEU B 45 -12.71 -8.49 -8.34
C LEU B 45 -11.91 -7.59 -9.27
N PHE B 46 -11.04 -6.75 -8.72
CA PHE B 46 -10.33 -5.73 -9.49
C PHE B 46 -8.84 -6.05 -9.65
N SER B 47 -8.44 -7.30 -9.45
CA SER B 47 -7.02 -7.64 -9.36
C SER B 47 -6.28 -7.46 -10.68
N PHE B 48 -6.99 -7.38 -11.80
CA PHE B 48 -6.33 -7.27 -13.10
C PHE B 48 -6.42 -5.87 -13.70
N LEU B 49 -7.04 -4.92 -13.02
CA LEU B 49 -7.11 -3.56 -13.55
C LEU B 49 -5.81 -2.84 -13.28
N ASP B 50 -5.40 -1.98 -14.21
CA ASP B 50 -4.23 -1.16 -14.01
C ASP B 50 -4.65 0.16 -13.36
N SER B 51 -3.68 1.06 -13.18
CA SER B 51 -3.90 2.25 -12.36
C SER B 51 -4.98 3.13 -12.95
N ARG B 52 -5.00 3.31 -14.27
CA ARG B 52 -6.01 4.21 -14.83
C ARG B 52 -7.38 3.57 -14.78
N ASP B 53 -7.46 2.25 -14.99
CA ASP B 53 -8.76 1.58 -14.86
C ASP B 53 -9.29 1.69 -13.44
N LEU B 54 -8.43 1.55 -12.43
CA LEU B 54 -8.92 1.68 -11.07
C LEU B 54 -9.47 3.07 -10.81
N MET B 55 -8.76 4.11 -11.30
CA MET B 55 -9.24 5.47 -11.08
C MET B 55 -10.58 5.70 -11.78
N THR B 56 -10.73 5.18 -13.00
CA THR B 56 -12.02 5.28 -13.67
C THR B 56 -13.12 4.59 -12.87
N VAL B 57 -12.86 3.37 -12.40
CA VAL B 57 -13.87 2.67 -11.60
C VAL B 57 -14.22 3.49 -10.38
N ALA B 58 -13.20 4.00 -9.68
CA ALA B 58 -13.50 4.83 -8.51
C ALA B 58 -14.33 6.05 -8.90
N GLY B 59 -14.11 6.60 -10.09
CA GLY B 59 -14.89 7.74 -10.54
C GLY B 59 -16.34 7.40 -10.82
N ALA B 60 -16.63 6.16 -11.22
CA ALA B 60 -17.98 5.75 -11.56
C ALA B 60 -18.79 5.26 -10.36
N MET B 61 -18.21 5.20 -9.18
CA MET B 61 -18.91 4.66 -8.03
C MET B 61 -19.58 5.76 -7.24
N TRP B 62 -20.66 5.40 -6.54
CA TRP B 62 -21.38 6.35 -5.71
C TRP B 62 -21.69 5.71 -4.37
N ARG B 63 -21.84 6.56 -3.36
CA ARG B 63 -21.92 6.12 -1.98
C ARG B 63 -23.36 5.75 -1.63
N VAL B 64 -23.51 4.65 -0.90
CA VAL B 64 -24.82 4.19 -0.46
C VAL B 64 -24.72 3.84 1.03
N GLU B 65 -25.75 4.21 1.79
CA GLU B 65 -25.81 3.98 3.22
C GLU B 65 -26.96 3.02 3.53
N PHE B 66 -26.71 2.05 4.42
CA PHE B 66 -27.74 1.14 4.90
C PHE B 66 -27.72 1.07 6.41
N LYS B 67 -28.88 0.73 6.99
CA LYS B 67 -29.02 0.53 8.42
C LYS B 67 -29.24 -0.95 8.72
N GLN B 68 -29.02 -1.31 9.98
CA GLN B 68 -29.16 -2.69 10.43
C GLN B 68 -30.49 -3.28 10.04
N ASP B 69 -30.44 -4.51 9.53
CA ASP B 69 -31.56 -5.33 9.07
C ASP B 69 -32.06 -4.95 7.69
N ASP B 70 -31.48 -3.93 7.06
CA ASP B 70 -31.83 -3.65 5.67
C ASP B 70 -31.28 -4.76 4.78
N CYS B 71 -32.05 -5.11 3.76
CA CYS B 71 -31.56 -6.04 2.76
C CYS B 71 -30.98 -5.25 1.60
N ILE B 72 -29.69 -5.41 1.36
CA ILE B 72 -29.05 -4.77 0.21
C ILE B 72 -29.58 -5.38 -1.07
N MET B 73 -29.66 -6.71 -1.11
CA MET B 73 -30.40 -7.41 -2.16
C MET B 73 -31.08 -8.59 -1.50
N GLU B 74 -32.14 -9.09 -2.15
CA GLU B 74 -32.95 -10.16 -1.60
C GLU B 74 -33.01 -11.32 -2.57
N ALA B 75 -32.88 -12.53 -2.04
CA ALA B 75 -32.90 -13.72 -2.87
C ALA B 75 -34.16 -13.74 -3.73
N GLY B 76 -33.97 -13.96 -5.02
CA GLY B 76 -35.08 -14.09 -5.94
C GLY B 76 -35.44 -12.83 -6.69
N GLN B 77 -34.94 -11.68 -6.26
CA GLN B 77 -35.18 -10.47 -7.02
C GLN B 77 -34.32 -10.47 -8.28
N THR B 78 -34.80 -9.74 -9.29
CA THR B 78 -34.11 -9.56 -10.56
C THR B 78 -33.77 -8.11 -10.83
N THR B 79 -34.03 -7.23 -9.87
CA THR B 79 -33.96 -5.79 -10.05
C THR B 79 -32.64 -5.16 -9.62
N CYS B 80 -31.76 -5.89 -8.93
CA CYS B 80 -30.52 -5.30 -8.43
C CYS B 80 -29.45 -5.45 -9.52
N ASP B 81 -29.12 -4.33 -10.15
CA ASP B 81 -28.18 -4.29 -11.26
C ASP B 81 -26.89 -3.55 -10.88
N LYS B 82 -26.37 -3.79 -9.68
CA LYS B 82 -25.18 -3.08 -9.28
C LYS B 82 -24.31 -3.95 -8.40
N LEU B 83 -23.06 -3.54 -8.29
CA LEU B 83 -22.11 -4.12 -7.38
C LEU B 83 -21.96 -3.16 -6.20
N TYR B 84 -21.77 -3.71 -5.00
CA TYR B 84 -21.53 -2.90 -3.82
C TYR B 84 -20.24 -3.39 -3.18
N ILE B 85 -19.34 -2.46 -2.84
CA ILE B 85 -18.16 -2.80 -2.06
C ILE B 85 -18.27 -2.11 -0.70
N ILE B 86 -18.11 -2.90 0.36
CA ILE B 86 -18.34 -2.44 1.73
C ILE B 86 -17.14 -1.63 2.22
N GLN B 87 -17.40 -0.38 2.61
CA GLN B 87 -16.42 0.44 3.29
C GLN B 87 -16.42 0.20 4.80
N ASP B 88 -17.58 0.30 5.44
CA ASP B 88 -17.72 0.09 6.88
C ASP B 88 -18.98 -0.73 7.14
N GLY B 89 -18.87 -1.72 7.99
CA GLY B 89 -20.02 -2.53 8.35
C GLY B 89 -19.90 -3.95 7.83
N LYS B 90 -20.88 -4.76 8.20
CA LYS B 90 -20.90 -6.16 7.83
C LYS B 90 -22.30 -6.56 7.39
N ALA B 91 -22.37 -7.62 6.59
CA ALA B 91 -23.64 -8.11 6.10
C ALA B 91 -23.64 -9.63 6.06
N ASP B 92 -24.76 -10.23 6.43
CA ASP B 92 -24.95 -11.67 6.34
C ASP B 92 -25.36 -12.08 4.94
N ILE B 93 -24.81 -13.18 4.48
CA ILE B 93 -25.31 -13.88 3.31
C ILE B 93 -26.27 -14.95 3.79
N ILE B 94 -27.53 -14.86 3.36
CA ILE B 94 -28.58 -15.75 3.84
C ILE B 94 -29.21 -16.48 2.65
N LYS B 95 -29.14 -17.81 2.70
CA LYS B 95 -29.77 -18.70 1.74
C LYS B 95 -30.89 -19.44 2.47
N GLU B 96 -32.08 -19.45 1.87
CA GLU B 96 -33.25 -20.00 2.53
C GLU B 96 -33.34 -19.24 3.85
N GLY B 97 -33.17 -19.87 5.00
CA GLY B 97 -33.19 -19.17 6.25
C GLY B 97 -31.86 -19.17 6.99
N GLN B 98 -30.81 -19.73 6.40
CA GLN B 98 -29.54 -19.94 7.11
C GLN B 98 -28.48 -18.95 6.65
N LYS B 99 -27.78 -18.35 7.62
CA LYS B 99 -26.58 -17.57 7.36
C LYS B 99 -25.47 -18.49 6.86
N VAL B 100 -24.96 -18.23 5.66
CA VAL B 100 -23.99 -19.11 5.03
C VAL B 100 -22.65 -18.42 4.79
N TYR B 101 -22.53 -17.14 5.11
CA TYR B 101 -21.31 -16.39 4.86
C TYR B 101 -21.45 -15.01 5.47
N LEU B 102 -20.35 -14.39 5.84
CA LEU B 102 -20.37 -13.04 6.38
C LEU B 102 -19.50 -12.16 5.50
N LYS B 103 -20.07 -11.07 5.01
CA LYS B 103 -19.36 -10.11 4.17
C LYS B 103 -18.87 -8.97 5.06
N VAL B 104 -17.56 -8.71 5.02
CA VAL B 104 -16.99 -7.68 5.88
C VAL B 104 -16.46 -6.50 5.08
N GLU B 105 -15.87 -5.54 5.78
CA GLU B 105 -15.30 -4.36 5.13
C GLU B 105 -14.35 -4.78 4.02
N GLY B 106 -14.40 -4.06 2.89
CA GLY B 106 -13.56 -4.37 1.76
C GLY B 106 -14.06 -5.46 0.84
N THR B 107 -15.11 -6.18 1.20
CA THR B 107 -15.62 -7.21 0.31
C THR B 107 -16.79 -6.66 -0.50
N ALA B 108 -17.16 -7.38 -1.57
CA ALA B 108 -18.19 -6.99 -2.51
C ALA B 108 -19.38 -7.95 -2.51
N VAL B 109 -20.56 -7.43 -2.82
CA VAL B 109 -21.76 -8.24 -3.04
C VAL B 109 -22.39 -7.85 -4.37
N GLY B 110 -22.97 -8.83 -5.05
CA GLY B 110 -23.63 -8.61 -6.33
C GLY B 110 -22.88 -9.11 -7.53
N GLU B 111 -21.66 -9.63 -7.34
CA GLU B 111 -20.86 -9.95 -8.51
C GLU B 111 -21.45 -11.13 -9.26
N LEU B 112 -22.02 -12.10 -8.52
CA LEU B 112 -22.54 -13.30 -9.16
C LEU B 112 -23.64 -12.95 -10.15
N GLU B 113 -24.55 -12.07 -9.75
CA GLU B 113 -25.64 -11.72 -10.65
C GLU B 113 -25.14 -10.87 -11.82
N LEU B 114 -24.14 -10.02 -11.59
CA LEU B 114 -23.61 -9.22 -12.68
C LEU B 114 -22.87 -10.07 -13.69
N MET B 115 -22.14 -11.09 -13.20
CA MET B 115 -21.40 -11.95 -14.11
C MET B 115 -22.35 -12.82 -14.93
N TYR B 116 -23.27 -13.48 -14.26
CA TYR B 116 -24.01 -14.58 -14.86
C TYR B 116 -25.41 -14.19 -15.28
N GLN B 117 -25.86 -12.98 -14.93
CA GLN B 117 -27.14 -12.50 -15.40
C GLN B 117 -28.30 -13.27 -14.79
N THR B 118 -28.12 -13.75 -13.58
CA THR B 118 -29.15 -14.49 -12.89
C THR B 118 -29.80 -13.63 -11.82
N PRO B 119 -30.94 -14.06 -11.29
CA PRO B 119 -31.53 -13.36 -10.15
C PRO B 119 -30.67 -13.55 -8.91
N THR B 120 -30.94 -12.70 -7.91
CA THR B 120 -30.15 -12.73 -6.69
C THR B 120 -30.19 -14.12 -6.06
N VAL B 121 -29.00 -14.71 -5.85
CA VAL B 121 -28.87 -16.04 -5.26
C VAL B 121 -29.18 -16.00 -3.77
N ALA B 122 -28.63 -15.02 -3.07
CA ALA B 122 -28.71 -14.95 -1.63
C ALA B 122 -29.28 -13.60 -1.21
N THR B 123 -29.82 -13.56 -0.01
CA THR B 123 -30.18 -12.30 0.60
C THR B 123 -28.95 -11.75 1.32
N VAL B 124 -28.75 -10.43 1.20
CA VAL B 124 -27.61 -9.74 1.81
C VAL B 124 -28.19 -8.79 2.83
N LYS B 125 -28.07 -9.14 4.11
CA LYS B 125 -28.73 -8.43 5.20
C LYS B 125 -27.68 -7.80 6.10
N VAL B 126 -27.75 -6.48 6.25
CA VAL B 126 -26.83 -5.76 7.13
C VAL B 126 -27.00 -6.27 8.55
N CYS B 127 -25.90 -6.72 9.16
CA CYS B 127 -25.95 -7.23 10.52
C CYS B 127 -25.15 -6.37 11.48
N THR B 128 -24.86 -5.14 11.10
CA THR B 128 -24.20 -4.15 11.93
C THR B 128 -25.08 -2.91 11.95
N PRO B 129 -24.96 -2.06 12.97
CA PRO B 129 -25.88 -0.92 13.07
C PRO B 129 -26.01 -0.12 11.78
N GLU B 130 -24.89 0.12 11.11
CA GLU B 130 -24.89 0.77 9.80
C GLU B 130 -23.94 0.03 8.88
N LEU B 131 -24.15 0.21 7.59
CA LEU B 131 -23.20 -0.24 6.59
C LEU B 131 -23.08 0.84 5.53
N ILE B 132 -21.86 1.27 5.25
CA ILE B 132 -21.58 2.22 4.18
C ILE B 132 -20.91 1.46 3.04
N ALA B 133 -21.45 1.60 1.83
CA ALA B 133 -20.92 0.94 0.65
C ALA B 133 -20.80 1.93 -0.48
N TRP B 134 -20.02 1.55 -1.48
CA TRP B 134 -19.93 2.26 -2.75
C TRP B 134 -20.47 1.33 -3.83
N ALA B 135 -21.39 1.85 -4.63
CA ALA B 135 -22.07 1.06 -5.65
C ALA B 135 -21.41 1.32 -7.00
N LEU B 136 -21.46 0.30 -7.84
CA LEU B 136 -20.97 0.40 -9.21
C LEU B 136 -22.04 -0.19 -10.11
N ASP B 137 -22.34 0.50 -11.21
CA ASP B 137 -23.43 0.07 -12.06
C ASP B 137 -23.03 -1.14 -12.90
N ARG B 138 -24.04 -1.78 -13.47
CA ARG B 138 -23.83 -3.03 -14.19
C ARG B 138 -22.97 -2.84 -15.42
N ASP B 139 -23.20 -1.76 -16.17
CA ASP B 139 -22.51 -1.62 -17.44
C ASP B 139 -21.02 -1.33 -17.22
N THR B 140 -20.71 -0.43 -16.28
CA THR B 140 -19.30 -0.18 -15.99
C THR B 140 -18.63 -1.45 -15.47
N TYR B 141 -19.33 -2.20 -14.62
CA TYR B 141 -18.76 -3.46 -14.16
C TYR B 141 -18.44 -4.38 -15.33
N ARG B 142 -19.38 -4.54 -16.26
CA ARG B 142 -19.18 -5.48 -17.37
C ARG B 142 -18.10 -4.99 -18.32
N HIS B 143 -18.06 -3.68 -18.59
CA HIS B 143 -17.14 -3.18 -19.60
C HIS B 143 -15.72 -3.05 -19.05
N LEU B 144 -15.57 -2.66 -17.79
CA LEU B 144 -14.26 -2.30 -17.25
C LEU B 144 -13.68 -3.31 -16.27
N VAL B 145 -14.51 -4.02 -15.51
CA VAL B 145 -14.04 -4.86 -14.43
C VAL B 145 -14.12 -6.34 -14.77
N MET B 146 -15.25 -6.79 -15.33
CA MET B 146 -15.47 -8.23 -15.47
C MET B 146 -14.33 -8.91 -16.19
N GLY B 147 -13.93 -8.37 -17.34
CA GLY B 147 -12.90 -9.01 -18.12
C GLY B 147 -13.25 -10.45 -18.42
N SER B 148 -12.28 -11.34 -18.26
CA SER B 148 -12.48 -12.76 -18.54
C SER B 148 -12.69 -13.58 -17.28
N ALA B 149 -13.31 -12.97 -16.26
CA ALA B 149 -13.56 -13.67 -15.00
C ALA B 149 -14.26 -14.99 -15.24
N ILE B 150 -15.28 -14.99 -16.11
CA ILE B 150 -16.05 -16.22 -16.33
C ILE B 150 -15.15 -17.31 -16.86
N ARG B 151 -14.37 -17.00 -17.91
CA ARG B 151 -13.47 -18.00 -18.48
C ARG B 151 -12.43 -18.47 -17.46
N ARG B 152 -12.00 -17.58 -16.57
CA ARG B 152 -10.99 -17.96 -15.57
C ARG B 152 -11.58 -18.91 -14.53
N ARG B 153 -12.79 -18.62 -14.08
CA ARG B 153 -13.44 -19.50 -13.12
C ARG B 153 -13.63 -20.90 -13.68
N GLU B 154 -14.12 -20.99 -14.93
CA GLU B 154 -14.37 -22.30 -15.54
C GLU B 154 -13.08 -23.10 -15.69
N THR B 155 -12.01 -22.42 -16.08
CA THR B 155 -10.73 -23.11 -16.28
C THR B 155 -10.15 -23.61 -14.96
N TYR B 156 -9.95 -22.70 -14.00
CA TYR B 156 -9.17 -23.06 -12.81
C TYR B 156 -9.92 -23.99 -11.88
N ILE B 157 -11.26 -23.93 -11.87
CA ILE B 157 -12.00 -24.66 -10.85
C ILE B 157 -11.81 -26.17 -11.00
N GLN B 158 -11.59 -26.64 -12.23
CA GLN B 158 -11.24 -28.03 -12.45
C GLN B 158 -9.96 -28.42 -11.68
N PHE B 159 -8.96 -27.53 -11.67
CA PHE B 159 -7.71 -27.81 -10.95
C PHE B 159 -7.83 -27.55 -9.44
N LEU B 160 -8.60 -26.53 -9.04
CA LEU B 160 -8.52 -26.07 -7.66
C LEU B 160 -9.15 -27.05 -6.68
N THR B 161 -10.09 -27.89 -7.14
CA THR B 161 -10.70 -28.87 -6.25
C THR B 161 -9.75 -29.99 -5.88
N ASN B 162 -8.55 -30.03 -6.46
CA ASN B 162 -7.55 -31.05 -6.17
C ASN B 162 -6.34 -30.53 -5.41
N ILE B 163 -6.34 -29.27 -4.99
CA ILE B 163 -5.18 -28.66 -4.34
C ILE B 163 -5.33 -28.88 -2.84
N PRO B 164 -4.51 -29.72 -2.22
CA PRO B 164 -4.68 -30.00 -0.79
C PRO B 164 -4.96 -28.77 0.07
N PHE B 165 -4.10 -27.75 0.03
CA PHE B 165 -4.28 -26.70 1.03
C PHE B 165 -5.50 -25.83 0.75
N LEU B 166 -6.16 -26.01 -0.38
CA LEU B 166 -7.38 -25.27 -0.69
C LEU B 166 -8.64 -26.07 -0.34
N SER B 167 -8.49 -27.33 0.07
CA SER B 167 -9.65 -28.15 0.43
C SER B 167 -10.55 -27.50 1.46
N GLY B 168 -9.99 -26.72 2.39
CA GLY B 168 -10.76 -26.06 3.44
C GLY B 168 -11.62 -24.89 2.98
N LEU B 169 -11.47 -24.46 1.72
CA LEU B 169 -12.28 -23.39 1.14
C LEU B 169 -13.57 -23.97 0.56
N ASP B 170 -14.68 -23.27 0.80
CA ASP B 170 -15.93 -23.72 0.21
C ASP B 170 -15.98 -23.34 -1.27
N ASN B 171 -17.10 -23.65 -1.91
CA ASN B 171 -17.19 -23.51 -3.36
C ASN B 171 -17.15 -22.04 -3.78
N TYR B 172 -17.95 -21.20 -3.11
CA TYR B 172 -17.87 -19.77 -3.40
C TYR B 172 -16.45 -19.25 -3.25
N GLU B 173 -15.72 -19.76 -2.26
CA GLU B 173 -14.39 -19.20 -1.98
C GLU B 173 -13.37 -19.67 -2.99
N LYS B 174 -13.46 -20.92 -3.46
CA LYS B 174 -12.57 -21.39 -4.51
C LYS B 174 -12.80 -20.62 -5.80
N LEU B 175 -14.07 -20.42 -6.19
CA LEU B 175 -14.36 -19.69 -7.42
C LEU B 175 -13.86 -18.27 -7.33
N GLN B 176 -13.98 -17.66 -6.15
CA GLN B 176 -13.48 -16.31 -5.94
C GLN B 176 -11.96 -16.25 -6.09
N LEU B 177 -11.26 -17.26 -5.57
CA LEU B 177 -9.81 -17.34 -5.74
C LEU B 177 -9.42 -17.41 -7.21
N ALA B 178 -10.19 -18.15 -8.01
CA ALA B 178 -9.92 -18.25 -9.43
C ALA B 178 -9.96 -16.90 -10.14
N ASP B 179 -10.80 -15.96 -9.66
CA ASP B 179 -10.85 -14.62 -10.25
C ASP B 179 -9.48 -13.97 -10.28
N ALA B 180 -8.69 -14.14 -9.22
CA ALA B 180 -7.45 -13.40 -9.06
C ALA B 180 -6.23 -14.22 -9.45
N LEU B 181 -6.41 -15.35 -10.10
CA LEU B 181 -5.29 -16.20 -10.49
C LEU B 181 -4.87 -15.94 -11.93
N SER B 182 -3.58 -16.15 -12.20
CA SER B 182 -3.04 -16.09 -13.56
C SER B 182 -1.95 -17.14 -13.73
N SER B 183 -1.86 -17.69 -14.94
CA SER B 183 -1.02 -18.84 -15.25
C SER B 183 0.37 -18.43 -15.73
N ASP B 184 1.33 -19.34 -15.54
CA ASP B 184 2.67 -19.21 -16.10
C ASP B 184 3.21 -20.58 -16.44
N GLU B 185 4.01 -20.62 -17.49
CA GLU B 185 4.76 -21.81 -17.87
C GLU B 185 6.23 -21.54 -17.57
N PHE B 186 6.90 -22.54 -17.02
CA PHE B 186 8.35 -22.49 -16.88
C PHE B 186 8.95 -23.77 -17.45
N GLU B 187 10.22 -23.69 -17.75
CA GLU B 187 10.92 -24.80 -18.38
C GLU B 187 12.09 -25.21 -17.52
N PRO B 188 12.60 -26.43 -17.71
CA PRO B 188 13.65 -26.94 -16.82
C PRO B 188 14.80 -25.95 -16.69
N GLY B 189 15.04 -25.49 -15.47
CA GLY B 189 16.07 -24.52 -15.18
C GLY B 189 15.54 -23.16 -14.85
N ASP B 190 14.32 -22.83 -15.28
CA ASP B 190 13.73 -21.53 -14.98
C ASP B 190 13.55 -21.34 -13.47
N TYR B 191 13.93 -20.15 -12.98
CA TYR B 191 13.72 -19.76 -11.60
C TYR B 191 12.30 -19.22 -11.46
N ILE B 192 11.47 -19.94 -10.72
CA ILE B 192 10.13 -19.45 -10.42
C ILE B 192 10.20 -18.41 -9.32
N ILE B 193 10.96 -18.68 -8.27
CA ILE B 193 11.19 -17.75 -7.17
C ILE B 193 12.69 -17.64 -6.99
N ARG B 194 13.17 -16.44 -6.72
CA ARG B 194 14.60 -16.15 -6.69
C ARG B 194 15.03 -15.79 -5.27
N TYR B 195 16.01 -16.50 -4.75
CA TYR B 195 16.50 -16.27 -3.40
C TYR B 195 16.87 -14.79 -3.20
N GLY B 196 16.64 -14.28 -2.00
CA GLY B 196 16.99 -12.91 -1.70
C GLY B 196 15.98 -11.86 -2.15
N GLU B 197 15.19 -12.17 -3.18
CA GLU B 197 14.24 -11.18 -3.66
C GLU B 197 13.05 -11.06 -2.72
N GLU B 198 12.26 -10.01 -2.91
CA GLU B 198 11.04 -9.83 -2.14
C GLU B 198 9.97 -10.75 -2.71
N GLY B 199 9.24 -11.41 -1.81
CA GLY B 199 8.16 -12.29 -2.24
C GLY B 199 6.90 -11.49 -2.58
N GLU B 200 6.38 -11.71 -3.78
CA GLU B 200 5.16 -11.03 -4.23
C GLU B 200 4.07 -11.94 -4.75
N TRP B 201 4.37 -13.20 -5.05
CA TRP B 201 3.42 -14.11 -5.69
C TRP B 201 3.36 -15.43 -4.94
N LEU B 202 2.16 -16.00 -4.82
CA LEU B 202 1.99 -17.37 -4.33
C LEU B 202 1.71 -18.25 -5.53
N TYR B 203 2.54 -19.27 -5.74
CA TYR B 203 2.38 -20.14 -6.90
C TYR B 203 1.77 -21.47 -6.50
N ILE B 204 0.86 -21.95 -7.33
CA ILE B 204 0.22 -23.25 -7.19
C ILE B 204 0.68 -24.10 -8.38
N ILE B 205 1.29 -25.24 -8.11
CA ILE B 205 1.83 -26.06 -9.18
C ILE B 205 0.69 -26.88 -9.78
N LEU B 206 0.39 -26.63 -11.05
CA LEU B 206 -0.65 -27.36 -11.76
C LEU B 206 -0.12 -28.57 -12.51
N GLU B 207 1.17 -28.54 -12.85
CA GLU B 207 1.83 -29.58 -13.62
C GLU B 207 3.33 -29.35 -13.46
N GLY B 208 4.07 -30.44 -13.25
CA GLY B 208 5.52 -30.40 -13.19
C GLY B 208 6.05 -30.49 -11.79
N SER B 209 7.38 -30.44 -11.72
CA SER B 209 8.12 -30.56 -10.48
C SER B 209 8.95 -29.31 -10.29
N VAL B 210 9.25 -29.00 -9.03
CA VAL B 210 10.11 -27.87 -8.72
C VAL B 210 11.05 -28.31 -7.60
N ASP B 211 12.21 -27.68 -7.57
CA ASP B 211 13.21 -27.92 -6.53
C ASP B 211 13.30 -26.64 -5.72
N VAL B 212 13.26 -26.77 -4.40
CA VAL B 212 13.51 -25.67 -3.51
C VAL B 212 15.00 -25.69 -3.21
N VAL B 213 15.71 -24.66 -3.64
CA VAL B 213 17.15 -24.59 -3.47
C VAL B 213 17.46 -23.51 -2.46
N GLY B 214 17.89 -23.93 -1.27
CA GLY B 214 18.28 -23.02 -0.22
C GLY B 214 19.75 -22.70 -0.23
N ARG B 215 20.25 -22.23 0.92
CA ARG B 215 21.65 -21.87 1.06
C ARG B 215 22.15 -22.36 2.40
N ASP B 216 23.27 -23.08 2.39
CA ASP B 216 23.85 -23.58 3.63
C ASP B 216 24.45 -22.43 4.44
N ASP B 217 24.99 -22.76 5.62
CA ASP B 217 25.56 -21.74 6.48
C ASP B 217 26.67 -20.95 5.78
N ASP B 218 27.33 -21.56 4.78
CA ASP B 218 28.44 -20.96 4.07
C ASP B 218 28.02 -20.36 2.73
N GLY B 219 26.72 -20.17 2.49
CA GLY B 219 26.26 -19.48 1.31
C GLY B 219 26.25 -20.28 0.02
N ASN B 220 26.39 -21.60 0.09
CA ASN B 220 26.36 -22.46 -1.09
C ASN B 220 24.95 -22.97 -1.38
N GLU B 221 24.69 -23.23 -2.66
CA GLU B 221 23.39 -23.74 -3.07
C GLU B 221 23.12 -25.07 -2.39
N LYS B 222 22.02 -25.14 -1.65
CA LYS B 222 21.64 -26.33 -0.90
C LYS B 222 20.28 -26.82 -1.37
N HIS B 223 20.16 -28.11 -1.63
CA HIS B 223 18.88 -28.68 -2.04
C HIS B 223 18.04 -28.92 -0.79
N VAL B 224 16.82 -28.39 -0.78
CA VAL B 224 15.95 -28.45 0.38
C VAL B 224 14.81 -29.43 0.18
N TRP B 225 14.11 -29.34 -0.95
CA TRP B 225 12.90 -30.15 -1.10
C TRP B 225 12.45 -30.10 -2.55
N GLU B 226 11.71 -31.12 -2.95
CA GLU B 226 11.11 -31.20 -4.28
C GLU B 226 9.61 -31.18 -4.13
N PHE B 227 8.94 -30.34 -4.92
CA PHE B 227 7.48 -30.27 -4.92
C PHE B 227 6.94 -30.65 -6.30
N GLY B 228 5.63 -30.91 -6.34
CA GLY B 228 4.97 -31.38 -7.54
C GLY B 228 3.52 -30.92 -7.64
N LYS B 229 2.75 -31.53 -8.54
CA LYS B 229 1.38 -31.11 -8.77
C LYS B 229 0.61 -31.03 -7.46
N GLY B 230 0.00 -29.86 -7.21
CA GLY B 230 -0.82 -29.66 -6.03
C GLY B 230 -0.13 -28.95 -4.89
N ASP B 231 1.20 -28.80 -4.97
CA ASP B 231 1.94 -28.12 -3.92
C ASP B 231 1.94 -26.61 -4.19
N HIS B 232 2.35 -25.84 -3.20
CA HIS B 232 2.38 -24.39 -3.29
C HIS B 232 3.75 -23.89 -2.85
N VAL B 233 4.17 -22.77 -3.41
CA VAL B 233 5.43 -22.14 -3.04
C VAL B 233 5.22 -20.63 -2.99
N GLY B 234 5.99 -19.97 -2.13
CA GLY B 234 5.98 -18.52 -2.03
C GLY B 234 5.31 -17.99 -0.80
N GLU B 235 4.55 -18.83 -0.08
CA GLU B 235 3.71 -18.31 1.00
C GLU B 235 4.51 -17.94 2.24
N LEU B 236 5.64 -18.60 2.49
CA LEU B 236 6.39 -18.34 3.73
C LEU B 236 6.70 -16.87 3.87
N GLU B 237 7.05 -16.22 2.77
CA GLU B 237 7.38 -14.80 2.82
C GLU B 237 6.15 -13.95 3.15
N PHE B 238 4.95 -14.35 2.68
CA PHE B 238 3.72 -13.66 3.06
C PHE B 238 3.47 -13.80 4.55
N LEU B 239 3.56 -15.03 5.05
CA LEU B 239 3.23 -15.31 6.44
C LEU B 239 4.11 -14.52 7.39
N ASN B 240 5.43 -14.52 7.16
CA ASN B 240 6.37 -14.00 8.15
C ASN B 240 7.12 -12.76 7.69
N ASN B 241 6.74 -12.17 6.56
CA ASN B 241 7.23 -10.86 6.11
C ASN B 241 8.76 -10.79 6.13
N HIS B 242 9.35 -11.45 5.14
CA HIS B 242 10.79 -11.46 4.92
C HIS B 242 11.06 -11.85 3.47
N ALA B 243 12.27 -11.55 3.01
CA ALA B 243 12.66 -11.87 1.65
C ALA B 243 12.82 -13.38 1.46
N ASN B 244 12.86 -13.79 0.20
CA ASN B 244 12.84 -15.22 -0.14
C ASN B 244 14.01 -15.96 0.49
N VAL B 245 13.70 -17.00 1.27
CA VAL B 245 14.73 -17.83 1.88
C VAL B 245 15.28 -18.90 0.94
N ALA B 246 14.78 -18.98 -0.29
CA ALA B 246 15.22 -20.03 -1.20
C ALA B 246 14.76 -19.72 -2.61
N ASP B 247 15.50 -20.23 -3.58
CA ASP B 247 15.03 -20.27 -4.95
C ASP B 247 14.02 -21.40 -5.11
N VAL B 248 13.13 -21.23 -6.08
CA VAL B 248 12.29 -22.32 -6.56
C VAL B 248 12.50 -22.42 -8.07
N VAL B 249 13.03 -23.56 -8.52
CA VAL B 249 13.50 -23.74 -9.89
C VAL B 249 12.73 -24.87 -10.56
N ALA B 250 12.20 -24.61 -11.75
CA ALA B 250 11.57 -25.67 -12.52
C ALA B 250 12.56 -26.80 -12.78
N LYS B 251 12.23 -27.99 -12.26
CA LYS B 251 12.96 -29.21 -12.57
C LYS B 251 12.47 -29.83 -13.86
N THR B 252 11.29 -29.42 -14.29
CA THR B 252 10.53 -30.06 -15.35
C THR B 252 9.85 -28.93 -16.11
N HIS B 253 9.10 -29.23 -17.16
CA HIS B 253 8.20 -28.21 -17.65
C HIS B 253 7.08 -28.03 -16.62
N VAL B 254 6.86 -26.79 -16.19
CA VAL B 254 5.95 -26.52 -15.09
CA VAL B 254 5.97 -26.50 -15.08
C VAL B 254 4.91 -25.51 -15.53
N VAL B 255 3.69 -25.69 -15.05
CA VAL B 255 2.59 -24.74 -15.22
C VAL B 255 2.08 -24.42 -13.82
N THR B 256 1.99 -23.13 -13.51
CA THR B 256 1.50 -22.69 -12.21
C THR B 256 0.35 -21.71 -12.41
N ALA B 257 -0.46 -21.57 -11.37
CA ALA B 257 -1.40 -20.47 -11.24
C ALA B 257 -0.99 -19.67 -10.02
N LYS B 258 -0.93 -18.36 -10.15
CA LYS B 258 -0.38 -17.54 -9.07
C LYS B 258 -1.35 -16.48 -8.63
N LEU B 259 -1.15 -16.05 -7.38
CA LEU B 259 -2.00 -15.10 -6.67
C LEU B 259 -1.08 -14.07 -6.05
N ASN B 260 -1.42 -12.79 -6.19
CA ASN B 260 -0.60 -11.70 -5.71
C ASN B 260 -0.74 -11.50 -4.21
N ARG B 261 0.36 -11.08 -3.58
CA ARG B 261 0.36 -10.86 -2.12
C ARG B 261 -0.73 -9.91 -1.69
N ARG B 262 -1.13 -9.03 -2.60
CA ARG B 262 -2.22 -8.09 -2.37
C ARG B 262 -3.48 -8.78 -1.87
N HIS B 263 -3.84 -9.91 -2.49
CA HIS B 263 -5.11 -10.57 -2.28
C HIS B 263 -4.99 -11.78 -1.37
N PHE B 264 -3.82 -11.95 -0.73
CA PHE B 264 -3.57 -13.11 0.11
C PHE B 264 -4.63 -13.24 1.21
N GLU B 265 -4.84 -12.17 1.98
CA GLU B 265 -5.82 -12.24 3.07
C GLU B 265 -7.24 -12.40 2.57
N MET B 266 -7.62 -11.69 1.50
CA MET B 266 -9.01 -11.79 1.03
C MET B 266 -9.34 -13.20 0.56
N CYS B 267 -8.42 -13.83 -0.17
CA CYS B 267 -8.73 -15.06 -0.87
C CYS B 267 -8.46 -16.30 -0.04
N LEU B 268 -7.40 -16.27 0.77
CA LEU B 268 -6.89 -17.45 1.46
C LEU B 268 -7.00 -17.33 2.98
N GLY B 269 -7.64 -16.27 3.48
CA GLY B 269 -7.85 -16.10 4.91
C GLY B 269 -8.21 -17.38 5.64
N PRO B 270 -9.21 -18.11 5.14
CA PRO B 270 -9.64 -19.33 5.84
C PRO B 270 -8.61 -20.46 5.86
N VAL B 271 -7.56 -20.40 5.03
CA VAL B 271 -6.57 -21.46 5.01
C VAL B 271 -5.19 -20.97 5.41
N ILE B 272 -5.07 -19.72 5.87
CA ILE B 272 -3.78 -19.24 6.36
C ILE B 272 -3.27 -20.10 7.50
N ASP B 273 -4.17 -20.62 8.34
CA ASP B 273 -3.72 -21.47 9.45
C ASP B 273 -3.17 -22.79 8.93
N VAL B 274 -3.72 -23.29 7.82
CA VAL B 274 -3.15 -24.47 7.18
C VAL B 274 -1.72 -24.17 6.74
N LEU B 275 -1.49 -23.00 6.14
CA LEU B 275 -0.16 -22.65 5.69
C LEU B 275 0.80 -22.53 6.86
N LYS B 276 0.35 -21.94 7.96
CA LYS B 276 1.23 -21.83 9.14
C LYS B 276 1.65 -23.20 9.65
N ARG B 277 0.69 -24.09 9.88
CA ARG B 277 1.03 -25.41 10.38
C ARG B 277 1.93 -26.15 9.40
N THR B 278 1.63 -26.04 8.11
CA THR B 278 2.49 -26.66 7.10
C THR B 278 3.94 -26.22 7.27
N SER B 279 4.17 -24.93 7.53
CA SER B 279 5.53 -24.42 7.66
C SER B 279 6.25 -24.97 8.89
N GLN B 280 5.53 -25.62 9.79
CA GLN B 280 6.13 -26.23 10.96
C GLN B 280 6.35 -27.71 10.77
N GLN B 281 6.12 -28.22 9.57
CA GLN B 281 6.35 -29.63 9.35
C GLN B 281 7.84 -29.91 9.23
N PRO B 282 8.24 -31.17 9.39
CA PRO B 282 9.66 -31.50 9.29
C PRO B 282 10.24 -31.24 7.92
N ASN B 283 9.44 -31.32 6.84
CA ASN B 283 10.01 -31.01 5.54
C ASN B 283 10.25 -29.52 5.35
N TYR B 284 10.02 -28.74 6.41
CA TYR B 284 10.38 -27.32 6.46
C TYR B 284 11.42 -27.05 7.52
N GLU B 285 12.14 -28.09 7.95
CA GLU B 285 13.28 -27.90 8.86
C GLU B 285 14.20 -26.78 8.38
N TYR B 286 14.66 -26.88 7.13
CA TYR B 286 15.49 -25.83 6.56
C TYR B 286 14.94 -24.45 6.86
N TYR B 287 13.64 -24.25 6.64
CA TYR B 287 13.08 -22.92 6.79
C TYR B 287 13.04 -22.51 8.26
N GLN B 288 12.71 -23.45 9.14
CA GLN B 288 12.67 -23.14 10.57
C GLN B 288 14.03 -22.68 11.07
N SER B 289 15.09 -23.42 10.72
CA SER B 289 16.41 -23.04 11.20
C SER B 289 16.84 -21.71 10.59
N LYS B 290 16.48 -21.48 9.33
CA LYS B 290 16.75 -20.21 8.67
C LYS B 290 16.00 -19.06 9.34
N LEU B 291 14.81 -19.32 9.86
CA LEU B 291 14.01 -18.29 10.53
C LEU B 291 14.57 -17.95 11.90
N LYS B 292 15.13 -18.94 12.62
CA LYS B 292 15.73 -18.73 13.95
C LYS B 292 17.16 -18.24 13.83
N9 NOS C . -4.90 14.92 12.51
C4 NOS C . -5.02 14.14 11.42
N3 NOS C . -4.33 13.09 10.95
C2 NOS C . -4.70 12.50 9.78
N1 NOS C . -5.76 12.97 9.10
C6 NOS C . -6.45 14.02 9.57
O6 NOS C . -7.51 14.40 8.76
C5 NOS C . -6.08 14.63 10.75
N7 NOS C . -6.59 15.67 11.42
C8 NOS C . -5.85 15.87 12.53
C5' NOS C . -4.85 16.99 16.32
O5' NOS C . -5.90 17.54 15.54
C4' NOS C . -3.86 16.23 15.46
O4' NOS C . -4.53 15.12 14.82
C1' NOS C . -3.91 14.84 13.59
C2' NOS C . -2.79 15.87 13.38
O2' NOS C . -1.56 15.29 13.83
C3' NOS C . -3.25 16.98 14.30
O3' NOS C . -2.20 17.86 14.69
N9 NOS D . 12.68 3.36 -15.37
C4 NOS D . 11.76 2.93 -16.26
N3 NOS D . 10.66 3.50 -16.81
C2 NOS D . 9.91 2.80 -17.71
N1 NOS D . 10.27 1.54 -18.06
C6 NOS D . 11.34 0.98 -17.51
O6 NOS D . 11.56 -0.32 -17.98
C5 NOS D . 12.10 1.69 -16.60
N7 NOS D . 13.23 1.35 -15.92
C8 NOS D . 13.58 2.39 -15.15
C5' NOS D . 16.08 4.45 -13.07
O5' NOS D . 16.17 3.04 -12.86
C4' NOS D . 14.63 4.91 -13.15
O4' NOS D . 14.20 4.94 -14.54
C1' NOS D . 12.83 4.61 -14.61
C2' NOS D . 12.31 4.43 -13.18
O2' NOS D . 11.85 5.68 -12.69
C3' NOS D . 13.60 4.03 -12.46
O3' NOS D . 13.56 4.22 -11.05
C1 GOL E . 0.50 -17.52 -19.74
O1 GOL E . 1.89 -17.72 -19.82
C2 GOL E . -0.23 -18.52 -20.64
O2 GOL E . 0.31 -19.82 -20.45
C3 GOL E . -1.73 -18.54 -20.34
O3 GOL E . -2.31 -17.29 -20.61
H11 GOL E . 0.16 -17.65 -18.71
H12 GOL E . 0.25 -16.51 -20.05
HO1 GOL E . 2.36 -17.04 -19.29
H2 GOL E . -0.10 -18.22 -21.67
HO2 GOL E . 0.15 -20.10 -19.52
H31 GOL E . -2.21 -19.31 -20.94
H32 GOL E . -1.90 -18.80 -19.29
HO3 GOL E . -3.25 -17.41 -20.88
C1 GOL F . -5.58 -13.83 -17.84
O1 GOL F . -6.52 -13.07 -17.12
C2 GOL F . -4.92 -14.82 -16.91
O2 GOL F . -5.76 -15.00 -15.79
C3 GOL F . -4.68 -16.16 -17.59
O3 GOL F . -3.32 -16.53 -17.38
H11 GOL F . -6.07 -14.36 -18.67
H12 GOL F . -4.82 -13.17 -18.28
HO1 GOL F . -6.90 -12.38 -17.70
H2 GOL F . -3.97 -14.42 -16.58
HO2 GOL F . -6.62 -15.38 -16.09
H31 GOL F . -5.33 -16.92 -17.18
H32 GOL F . -4.87 -16.08 -18.66
HO3 GOL F . -3.26 -17.50 -17.27
N9 NOS G . -23.15 -14.65 -2.19
C4 NOS G . -22.38 -15.50 -1.49
N3 NOS G . -21.35 -15.30 -0.67
C2 NOS G . -20.76 -16.37 -0.07
N1 NOS G . -21.21 -17.63 -0.32
C6 NOS G . -22.23 -17.81 -1.14
O6 NOS G . -22.54 -19.15 -1.28
C5 NOS G . -22.85 -16.73 -1.74
N7 NOS G . -23.88 -16.62 -2.60
C8 NOS G . -24.08 -15.31 -2.89
C5' NOS G . -26.13 -11.94 -3.61
O5' NOS G . -26.48 -13.17 -4.21
C4' NOS G . -24.65 -11.86 -3.32
O4' NOS G . -24.36 -12.65 -2.15
C1' NOS G . -23.06 -13.19 -2.26
C2' NOS G . -22.47 -12.71 -3.59
O2' NOS G . -21.72 -11.52 -3.34
C3' NOS G . -23.72 -12.42 -4.38
O3' NOS G . -23.51 -11.55 -5.47
N9 NOS H . 10.61 -23.09 0.97
C4 NOS H . 10.60 -24.31 1.52
N3 NOS H . 9.97 -25.46 1.19
C2 NOS H . 10.18 -26.57 1.95
N1 NOS H . 11.01 -26.51 3.03
C6 NOS H . 11.61 -25.37 3.34
O6 NOS H . 12.43 -25.46 4.48
C5 NOS H . 11.42 -24.23 2.59
N7 NOS H . 11.90 -22.98 2.67
C8 NOS H . 11.39 -22.26 1.66
C5' NOS H . 10.83 -19.27 -1.17
O5' NOS H . 11.65 -19.12 -0.02
C4' NOS H . 9.89 -20.43 -1.03
O4' NOS H . 10.63 -21.67 -0.90
C1' NOS H . 9.85 -22.61 -0.19
C2' NOS H . 8.57 -21.90 0.27
O2' NOS H . 7.54 -22.17 -0.67
C3' NOS H . 8.98 -20.44 0.20
O3' NOS H . 7.90 -19.55 0.11
#